data_5JSQ
#
_entry.id   5JSQ
#
_cell.length_a   94.376
_cell.length_b   108.787
_cell.length_c   44.645
_cell.angle_alpha   90.00
_cell.angle_beta   90.00
_cell.angle_gamma   90.00
#
_symmetry.space_group_name_H-M   'P 2 2 21'
#
loop_
_entity.id
_entity.type
_entity.pdbx_description
1 polymer 'hypoxanthine-guanine phosphoribosyltranferase'
2 non-polymer '[6-(2-amino-6-oxo-1,6-dihydro-9H-purin-9-yl)hexyl]phosphonic acid'
3 non-polymer DI(HYDROXYETHYL)ETHER
4 non-polymer GLYCEROL
5 non-polymer 'MAGNESIUM ION'
6 non-polymer 'SULFATE ION'
7 water water
#
_entity_poly.entity_id   1
_entity_poly.type   'polypeptide(L)'
_entity_poly.pdbx_seq_one_letter_code
;HHHHHHMEPACKYDFATSVLFTEAELHTRMRGVAQRIADDYSNCNLKPLENPLVIVSVLKGSFVFTADMVRILGDFGVPT
RVEFLRASSYGHDTKSCGRVDVKADGLCDIRGKHVLVLEDILDTALTLREVVDSLKKSEPASIKTLVAIDKPGGRKIPFT
AEYVVADVPNVFVVGYGLDYDQSYREVRDVVILKPSVYETWGKELERRKAAGEAKR
;
_entity_poly.pdbx_strand_id   A,B
#
# COMPACT_ATOMS: atom_id res chain seq x y z
N CYS A 11 -13.74 -21.58 10.15
CA CYS A 11 -13.16 -20.33 9.63
C CYS A 11 -12.65 -19.44 10.78
N LYS A 12 -11.44 -18.92 10.56
N LYS A 12 -11.42 -18.93 10.66
CA LYS A 12 -10.70 -18.08 11.51
CA LYS A 12 -10.87 -18.14 11.76
C LYS A 12 -11.37 -16.74 11.78
C LYS A 12 -11.45 -16.74 11.85
N TYR A 13 -12.32 -16.34 10.93
CA TYR A 13 -12.86 -14.98 10.91
C TYR A 13 -14.36 -15.03 11.09
N ASP A 14 -14.88 -14.30 12.09
CA ASP A 14 -16.32 -14.45 12.32
C ASP A 14 -17.16 -13.73 11.27
N PHE A 15 -16.53 -12.95 10.40
CA PHE A 15 -17.24 -12.22 9.36
C PHE A 15 -17.13 -12.93 8.03
N ALA A 16 -16.51 -14.12 8.01
CA ALA A 16 -16.29 -14.85 6.75
C ALA A 16 -16.82 -16.27 6.84
N THR A 17 -17.20 -16.80 5.68
CA THR A 17 -17.60 -18.20 5.70
C THR A 17 -16.51 -19.13 5.20
N SER A 18 -15.53 -18.61 4.45
CA SER A 18 -14.45 -19.44 3.95
CA SER A 18 -14.44 -19.44 4.00
CA SER A 18 -14.44 -19.43 3.93
C SER A 18 -13.22 -18.58 3.67
N VAL A 19 -12.04 -19.15 3.89
CA VAL A 19 -10.80 -18.49 3.47
C VAL A 19 -10.43 -19.08 2.13
N LEU A 20 -10.29 -18.24 1.11
CA LEU A 20 -9.94 -18.76 -0.21
C LEU A 20 -8.43 -18.76 -0.46
N PHE A 21 -7.74 -17.67 -0.15
CA PHE A 21 -6.30 -17.59 -0.34
C PHE A 21 -5.70 -16.95 0.90
N THR A 22 -4.75 -17.66 1.53
CA THR A 22 -4.02 -17.00 2.61
C THR A 22 -2.97 -16.06 2.06
N GLU A 23 -2.51 -15.16 2.94
CA GLU A 23 -1.37 -14.33 2.65
C GLU A 23 -0.21 -15.14 2.08
N ALA A 24 0.13 -16.27 2.73
CA ALA A 24 1.23 -17.09 2.25
C ALA A 24 0.97 -17.64 0.84
N GLU A 25 -0.26 -18.10 0.57
CA GLU A 25 -0.55 -18.60 -0.77
C GLU A 25 -0.45 -17.49 -1.80
N LEU A 26 -0.96 -16.30 -1.47
CA LEU A 26 -0.85 -15.17 -2.39
C LEU A 26 0.61 -14.88 -2.68
N HIS A 27 1.45 -14.82 -1.61
CA HIS A 27 2.85 -14.50 -1.86
C HIS A 27 3.55 -15.59 -2.69
N THR A 28 3.25 -16.87 -2.44
CA THR A 28 3.83 -17.93 -3.27
C THR A 28 3.46 -17.72 -4.71
N ARG A 29 2.18 -17.43 -4.95
CA ARG A 29 1.78 -17.19 -6.34
C ARG A 29 2.42 -15.92 -6.93
N MET A 30 2.61 -14.88 -6.10
CA MET A 30 3.26 -13.67 -6.59
C MET A 30 4.71 -13.91 -6.94
N ARG A 31 5.40 -14.78 -6.18
CA ARG A 31 6.79 -15.12 -6.54
C ARG A 31 6.83 -15.84 -7.88
N GLY A 32 5.87 -16.75 -8.14
CA GLY A 32 5.78 -17.38 -9.45
C GLY A 32 5.59 -16.37 -10.56
N VAL A 33 4.67 -15.42 -10.36
CA VAL A 33 4.44 -14.38 -11.36
C VAL A 33 5.69 -13.50 -11.53
N ALA A 34 6.37 -13.14 -10.44
CA ALA A 34 7.54 -12.25 -10.52
C ALA A 34 8.64 -12.94 -11.34
N GLN A 35 8.76 -14.27 -11.21
CA GLN A 35 9.75 -14.97 -12.05
C GLN A 35 9.41 -14.84 -13.52
N ARG A 36 8.14 -14.99 -13.86
CA ARG A 36 7.71 -14.83 -15.25
C ARG A 36 7.97 -13.41 -15.74
N ILE A 37 7.64 -12.41 -14.91
CA ILE A 37 7.91 -11.01 -15.29
C ILE A 37 9.40 -10.78 -15.47
N ALA A 38 10.23 -11.29 -14.55
CA ALA A 38 11.67 -11.11 -14.74
C ALA A 38 12.15 -11.71 -16.07
N ASP A 39 11.65 -12.90 -16.43
CA ASP A 39 12.03 -13.51 -17.68
C ASP A 39 11.50 -12.70 -18.86
N ASP A 40 10.23 -12.31 -18.79
CA ASP A 40 9.62 -11.64 -19.95
C ASP A 40 10.24 -10.29 -20.23
N TYR A 41 10.71 -9.56 -19.20
CA TYR A 41 11.31 -8.26 -19.36
C TYR A 41 12.83 -8.30 -19.41
N SER A 42 13.43 -9.48 -19.50
CA SER A 42 14.88 -9.56 -19.55
CA SER A 42 14.88 -9.59 -19.58
C SER A 42 15.44 -8.83 -20.78
N ASN A 43 14.72 -8.82 -21.87
CA ASN A 43 15.23 -8.11 -23.05
C ASN A 43 14.92 -6.61 -22.99
N CYS A 44 14.45 -6.08 -21.86
CA CYS A 44 14.22 -4.65 -21.72
C CYS A 44 15.30 -3.92 -20.92
N ASN A 45 16.23 -4.64 -20.33
CA ASN A 45 17.30 -4.03 -19.55
C ASN A 45 16.75 -2.98 -18.57
N LEU A 46 15.86 -3.46 -17.71
CA LEU A 46 15.29 -2.64 -16.65
C LEU A 46 16.38 -2.30 -15.65
N LYS A 47 16.43 -1.02 -15.22
CA LYS A 47 17.47 -0.56 -14.25
C LYS A 47 16.85 0.52 -13.40
N PRO A 48 17.18 0.63 -12.10
CA PRO A 48 16.71 1.79 -11.34
C PRO A 48 17.21 3.09 -12.00
N LEU A 49 16.40 4.15 -11.86
CA LEU A 49 16.71 5.49 -12.41
C LEU A 49 16.72 5.53 -13.92
N GLU A 50 17.58 4.75 -14.58
CA GLU A 50 17.68 4.84 -16.04
C GLU A 50 16.46 4.24 -16.74
N ASN A 51 15.89 3.16 -16.18
CA ASN A 51 14.88 2.42 -16.93
C ASN A 51 14.05 1.52 -16.03
N PRO A 52 13.38 2.06 -15.02
CA PRO A 52 12.54 1.22 -14.15
C PRO A 52 11.28 0.80 -14.89
N LEU A 53 10.73 -0.33 -14.46
CA LEU A 53 9.39 -0.70 -14.92
C LEU A 53 8.41 0.21 -14.19
N VAL A 54 7.48 0.83 -14.94
CA VAL A 54 6.55 1.78 -14.33
C VAL A 54 5.31 1.01 -13.91
N ILE A 55 5.05 0.97 -12.61
CA ILE A 55 3.90 0.28 -12.04
C ILE A 55 2.81 1.33 -11.89
N VAL A 56 1.67 1.10 -12.53
CA VAL A 56 0.52 2.01 -12.42
C VAL A 56 -0.51 1.27 -11.62
N SER A 57 -0.71 1.68 -10.36
CA SER A 57 -1.60 0.98 -9.41
C SER A 57 -2.96 1.61 -9.48
N VAL A 58 -4.00 0.79 -9.77
CA VAL A 58 -5.33 1.27 -10.02
C VAL A 58 -6.25 0.72 -8.94
N LEU A 59 -7.20 1.57 -8.47
CA LEU A 59 -8.20 1.31 -7.40
C LEU A 59 -7.54 1.52 -6.03
N LYS A 60 -8.28 2.19 -5.12
CA LYS A 60 -7.70 2.55 -3.82
C LYS A 60 -7.15 1.34 -3.08
N GLY A 61 -7.90 0.22 -3.12
CA GLY A 61 -7.48 -0.91 -2.30
C GLY A 61 -6.23 -1.62 -2.79
N SER A 62 -5.76 -1.30 -4.01
CA SER A 62 -4.62 -2.02 -4.54
C SER A 62 -3.32 -1.64 -3.83
N PHE A 63 -3.32 -0.68 -2.90
CA PHE A 63 -2.07 -0.38 -2.20
C PHE A 63 -1.44 -1.60 -1.53
N VAL A 64 -2.24 -2.55 -1.04
CA VAL A 64 -1.67 -3.70 -0.36
C VAL A 64 -0.93 -4.60 -1.37
N PHE A 65 -1.65 -5.01 -2.43
CA PHE A 65 -1.02 -5.79 -3.50
C PHE A 65 0.21 -5.10 -4.07
N THR A 66 0.08 -3.79 -4.36
CA THR A 66 1.19 -3.07 -4.94
C THR A 66 2.40 -3.04 -4.01
N ALA A 67 2.17 -2.74 -2.71
CA ALA A 67 3.29 -2.77 -1.76
C ALA A 67 3.99 -4.12 -1.73
N ASP A 68 3.23 -5.22 -1.71
CA ASP A 68 3.88 -6.51 -1.68
C ASP A 68 4.53 -6.86 -3.00
N MET A 69 3.85 -6.52 -4.11
CA MET A 69 4.33 -6.95 -5.41
C MET A 69 5.60 -6.22 -5.80
N VAL A 70 5.68 -4.91 -5.51
CA VAL A 70 6.94 -4.26 -5.92
C VAL A 70 8.13 -4.79 -5.12
N ARG A 71 7.91 -5.19 -3.87
CA ARG A 71 9.01 -5.75 -3.09
C ARG A 71 9.41 -7.11 -3.65
N ILE A 72 8.42 -7.95 -4.02
CA ILE A 72 8.75 -9.23 -4.63
C ILE A 72 9.43 -9.05 -5.97
N LEU A 73 8.94 -8.13 -6.80
CA LEU A 73 9.62 -7.87 -8.08
C LEU A 73 11.07 -7.46 -7.86
N GLY A 74 11.32 -6.63 -6.85
CA GLY A 74 12.70 -6.23 -6.55
C GLY A 74 13.57 -7.43 -6.21
N ASP A 75 13.02 -8.40 -5.46
CA ASP A 75 13.79 -9.60 -5.12
C ASP A 75 14.20 -10.35 -6.38
N PHE A 76 13.38 -10.28 -7.44
CA PHE A 76 13.65 -10.96 -8.70
C PHE A 76 14.37 -10.08 -9.71
N GLY A 77 14.97 -8.96 -9.26
CA GLY A 77 15.72 -8.16 -10.21
C GLY A 77 14.93 -7.27 -11.13
N VAL A 78 13.67 -6.97 -10.80
CA VAL A 78 12.83 -6.09 -11.59
C VAL A 78 12.59 -4.80 -10.81
N PRO A 79 13.37 -3.77 -11.11
CA PRO A 79 13.21 -2.49 -10.40
C PRO A 79 12.05 -1.69 -10.96
N THR A 80 11.41 -0.93 -10.08
CA THR A 80 10.15 -0.26 -10.42
C THR A 80 10.14 1.18 -9.97
N ARG A 81 9.21 1.91 -10.55
CA ARG A 81 8.73 3.16 -10.00
C ARG A 81 7.21 3.11 -10.02
N VAL A 82 6.55 3.77 -9.09
CA VAL A 82 5.11 3.57 -8.88
CA VAL A 82 5.11 3.57 -8.87
C VAL A 82 4.36 4.86 -9.13
N GLU A 83 3.16 4.72 -9.69
CA GLU A 83 2.21 5.81 -9.85
C GLU A 83 0.86 5.29 -9.42
N PHE A 84 0.00 6.16 -8.91
CA PHE A 84 -1.34 5.74 -8.49
C PHE A 84 -2.41 6.46 -9.29
N LEU A 85 -3.38 5.68 -9.81
CA LEU A 85 -4.70 6.16 -10.29
C LEU A 85 -5.80 5.65 -9.36
N ARG A 86 -6.29 6.52 -8.46
CA ARG A 86 -7.30 6.18 -7.44
C ARG A 86 -6.73 5.32 -6.31
N ASP A 109 5.55 11.46 -18.93
CA ASP A 109 6.78 10.88 -18.43
C ASP A 109 6.79 9.37 -18.62
N ILE A 110 5.89 8.84 -19.44
CA ILE A 110 5.89 7.41 -19.68
C ILE A 110 6.16 7.05 -21.13
N ARG A 111 6.41 8.02 -22.02
CA ARG A 111 6.76 7.66 -23.39
C ARG A 111 8.06 6.89 -23.40
N GLY A 112 8.08 5.78 -24.13
CA GLY A 112 9.28 4.98 -24.16
C GLY A 112 9.55 4.21 -22.90
N LYS A 113 8.61 4.19 -21.92
CA LYS A 113 8.80 3.40 -20.72
CA LYS A 113 8.77 3.42 -20.70
C LYS A 113 7.87 2.19 -20.76
N HIS A 114 8.32 1.12 -20.14
CA HIS A 114 7.47 -0.07 -19.97
C HIS A 114 6.54 0.11 -18.80
N VAL A 115 5.27 -0.17 -19.01
CA VAL A 115 4.22 0.06 -18.02
C VAL A 115 3.54 -1.26 -17.67
N LEU A 116 3.46 -1.54 -16.37
CA LEU A 116 2.71 -2.71 -15.89
C LEU A 116 1.63 -2.15 -14.97
N VAL A 117 0.37 -2.32 -15.38
CA VAL A 117 -0.76 -1.83 -14.62
C VAL A 117 -1.16 -2.90 -13.62
N LEU A 118 -1.22 -2.54 -12.36
CA LEU A 118 -1.63 -3.45 -11.29
C LEU A 118 -3.01 -3.11 -10.77
N GLU A 119 -3.82 -4.13 -10.46
CA GLU A 119 -5.14 -3.90 -9.87
C GLU A 119 -5.41 -5.09 -8.97
N ASP A 120 -5.95 -4.81 -7.76
CA ASP A 120 -6.20 -5.93 -6.84
C ASP A 120 -7.31 -6.86 -7.32
N ILE A 121 -8.30 -6.36 -8.05
CA ILE A 121 -9.38 -7.22 -8.56
C ILE A 121 -9.69 -6.80 -9.98
N LEU A 122 -9.90 -7.82 -10.83
CA LEU A 122 -10.37 -7.70 -12.20
C LEU A 122 -11.72 -8.44 -12.27
N ASP A 123 -12.78 -7.73 -12.62
CA ASP A 123 -14.12 -8.33 -12.61
C ASP A 123 -14.79 -8.07 -13.96
N THR A 124 -15.43 -6.90 -14.09
CA THR A 124 -16.09 -6.57 -15.34
C THR A 124 -15.07 -6.25 -16.41
N ALA A 125 -13.86 -5.82 -15.99
CA ALA A 125 -12.74 -5.34 -16.81
C ALA A 125 -12.99 -3.93 -17.32
N LEU A 126 -14.07 -3.25 -16.91
CA LEU A 126 -14.33 -1.91 -17.46
C LEU A 126 -13.27 -0.91 -16.98
N THR A 127 -12.82 -1.02 -15.72
CA THR A 127 -11.79 -0.08 -15.26
C THR A 127 -10.49 -0.30 -16.02
N LEU A 128 -10.01 -1.54 -16.08
CA LEU A 128 -8.71 -1.74 -16.70
CA LEU A 128 -8.72 -1.76 -16.70
C LEU A 128 -8.73 -1.43 -18.19
N ARG A 129 -9.84 -1.73 -18.87
CA ARG A 129 -9.94 -1.37 -20.30
C ARG A 129 -9.74 0.13 -20.50
N GLU A 130 -10.40 0.93 -19.66
CA GLU A 130 -10.28 2.38 -19.78
C GLU A 130 -8.87 2.86 -19.44
N VAL A 131 -8.28 2.32 -18.37
CA VAL A 131 -6.95 2.73 -17.96
C VAL A 131 -5.94 2.37 -19.04
N VAL A 132 -5.99 1.11 -19.52
CA VAL A 132 -5.02 0.70 -20.56
C VAL A 132 -5.16 1.58 -21.79
N ASP A 133 -6.39 1.84 -22.26
CA ASP A 133 -6.53 2.62 -23.47
C ASP A 133 -6.08 4.06 -23.28
N SER A 134 -6.26 4.60 -22.09
CA SER A 134 -5.80 5.95 -21.79
CA SER A 134 -5.80 5.95 -21.83
C SER A 134 -4.28 6.02 -21.82
N LEU A 135 -3.63 5.06 -21.17
CA LEU A 135 -2.17 5.04 -21.11
C LEU A 135 -1.54 4.89 -22.48
N LYS A 136 -2.19 4.14 -23.38
CA LYS A 136 -1.65 3.92 -24.72
C LYS A 136 -1.46 5.23 -25.47
N LYS A 137 -2.28 6.23 -25.15
CA LYS A 137 -2.16 7.55 -25.77
C LYS A 137 -0.84 8.23 -25.46
N SER A 138 -0.17 7.87 -24.36
CA SER A 138 1.11 8.45 -23.97
C SER A 138 2.29 7.72 -24.56
N GLU A 139 2.08 6.79 -25.46
CA GLU A 139 3.15 6.08 -26.18
C GLU A 139 4.18 5.41 -25.28
N PRO A 140 3.75 4.59 -24.32
CA PRO A 140 4.70 3.79 -23.55
C PRO A 140 5.36 2.78 -24.49
N ALA A 141 6.52 2.29 -24.04
CA ALA A 141 7.22 1.27 -24.81
C ALA A 141 6.41 -0.02 -24.93
N SER A 142 5.74 -0.39 -23.85
CA SER A 142 4.80 -1.53 -23.83
C SER A 142 3.85 -1.33 -22.68
N ILE A 143 2.73 -2.05 -22.69
CA ILE A 143 1.85 -2.04 -21.55
CA ILE A 143 1.74 -2.01 -21.61
C ILE A 143 1.27 -3.43 -21.36
N LYS A 144 1.29 -3.88 -20.12
CA LYS A 144 0.73 -5.17 -19.75
C LYS A 144 -0.01 -4.95 -18.46
N THR A 145 -0.80 -5.95 -18.04
CA THR A 145 -1.52 -5.86 -16.80
C THR A 145 -1.23 -7.05 -15.88
N LEU A 146 -1.29 -6.79 -14.59
CA LEU A 146 -1.10 -7.79 -13.54
C LEU A 146 -2.18 -7.60 -12.49
N VAL A 147 -2.97 -8.65 -12.23
CA VAL A 147 -4.03 -8.51 -11.23
C VAL A 147 -3.87 -9.57 -10.16
N ALA A 148 -4.27 -9.20 -8.94
CA ALA A 148 -4.15 -10.14 -7.83
C ALA A 148 -5.26 -11.16 -7.89
N ILE A 149 -6.50 -10.70 -8.01
CA ILE A 149 -7.69 -11.56 -8.01
C ILE A 149 -8.42 -11.32 -9.33
N ASP A 150 -8.49 -12.33 -10.17
CA ASP A 150 -9.28 -12.26 -11.38
C ASP A 150 -10.58 -12.99 -11.08
N LYS A 151 -11.70 -12.34 -11.38
CA LYS A 151 -13.01 -12.99 -11.37
CA LYS A 151 -13.00 -12.95 -11.37
C LYS A 151 -13.48 -13.13 -12.81
N PRO A 152 -13.04 -14.18 -13.50
CA PRO A 152 -13.33 -14.29 -14.95
C PRO A 152 -14.79 -14.40 -15.27
N GLY A 153 -15.61 -14.82 -14.31
CA GLY A 153 -17.03 -14.90 -14.63
C GLY A 153 -17.77 -13.59 -14.54
N GLY A 154 -17.07 -12.47 -14.27
CA GLY A 154 -17.66 -11.15 -14.04
C GLY A 154 -17.59 -10.22 -15.27
N ARG A 155 -16.94 -10.70 -16.33
CA ARG A 155 -16.64 -9.82 -17.47
C ARG A 155 -17.88 -9.17 -18.08
N LYS A 156 -17.76 -7.88 -18.41
CA LYS A 156 -18.77 -7.23 -19.25
C LYS A 156 -18.23 -6.90 -20.62
N ILE A 157 -16.91 -7.01 -20.78
CA ILE A 157 -16.24 -6.95 -22.08
C ILE A 157 -15.16 -8.01 -22.07
N PRO A 158 -14.64 -8.38 -23.23
CA PRO A 158 -13.50 -9.33 -23.24
C PRO A 158 -12.23 -8.69 -22.71
N PHE A 159 -11.55 -9.39 -21.83
CA PHE A 159 -10.29 -8.87 -21.35
C PHE A 159 -9.51 -9.98 -20.68
N THR A 160 -8.23 -10.13 -21.05
CA THR A 160 -7.34 -11.09 -20.42
C THR A 160 -6.13 -10.34 -19.86
N ALA A 161 -5.91 -10.40 -18.54
CA ALA A 161 -4.67 -9.84 -17.99
C ALA A 161 -3.49 -10.72 -18.38
N GLU A 162 -2.35 -10.08 -18.60
CA GLU A 162 -1.17 -10.89 -18.91
C GLU A 162 -0.76 -11.76 -17.73
N TYR A 163 -0.89 -11.23 -16.48
CA TYR A 163 -0.43 -11.94 -15.31
C TYR A 163 -1.54 -11.93 -14.29
N VAL A 164 -1.88 -13.10 -13.75
CA VAL A 164 -2.94 -13.26 -12.75
C VAL A 164 -2.37 -14.03 -11.57
N VAL A 165 -2.51 -13.48 -10.36
CA VAL A 165 -2.06 -14.18 -9.16
C VAL A 165 -2.99 -15.34 -8.82
N ALA A 166 -4.30 -15.07 -8.72
CA ALA A 166 -5.29 -16.09 -8.39
C ALA A 166 -6.61 -15.77 -9.05
N ASP A 167 -7.37 -16.83 -9.35
CA ASP A 167 -8.75 -16.75 -9.84
C ASP A 167 -9.73 -16.97 -8.69
N VAL A 168 -10.87 -16.27 -8.71
CA VAL A 168 -11.92 -16.48 -7.70
CA VAL A 168 -11.91 -16.55 -7.72
C VAL A 168 -13.22 -16.74 -8.47
N PRO A 169 -14.07 -17.62 -8.00
CA PRO A 169 -15.39 -17.75 -8.62
C PRO A 169 -16.27 -16.53 -8.35
N ASN A 170 -17.51 -16.60 -8.82
CA ASN A 170 -18.45 -15.48 -8.64
C ASN A 170 -19.05 -15.49 -7.23
N VAL A 171 -18.18 -15.09 -6.28
CA VAL A 171 -18.50 -14.91 -4.88
C VAL A 171 -17.92 -13.58 -4.44
N PHE A 172 -18.53 -12.98 -3.41
CA PHE A 172 -18.05 -11.68 -2.92
C PHE A 172 -16.98 -11.86 -1.85
N VAL A 173 -15.78 -11.38 -2.15
CA VAL A 173 -14.63 -11.56 -1.25
C VAL A 173 -14.15 -10.23 -0.69
N VAL A 174 -13.53 -10.30 0.48
CA VAL A 174 -12.84 -9.16 1.06
C VAL A 174 -11.45 -9.61 1.49
N GLY A 175 -10.64 -8.64 1.85
CA GLY A 175 -9.28 -8.90 2.31
C GLY A 175 -8.25 -8.56 1.24
N TYR A 176 -6.99 -8.49 1.68
CA TYR A 176 -5.86 -8.18 0.77
C TYR A 176 -6.13 -6.92 -0.05
N GLY A 177 -6.65 -5.88 0.63
CA GLY A 177 -7.03 -4.62 0.01
C GLY A 177 -8.48 -4.51 -0.43
N LEU A 178 -9.18 -5.62 -0.59
CA LEU A 178 -10.56 -5.59 -1.07
CA LEU A 178 -10.57 -5.62 -1.05
C LEU A 178 -11.51 -5.30 0.10
N ASP A 179 -12.43 -4.37 -0.11
CA ASP A 179 -13.28 -3.87 0.96
C ASP A 179 -14.73 -4.31 0.87
N TYR A 180 -15.41 -4.23 2.00
CA TYR A 180 -16.87 -4.09 2.01
C TYR A 180 -17.16 -2.76 2.72
N ASP A 181 -17.72 -1.82 1.96
CA ASP A 181 -17.98 -0.43 2.45
C ASP A 181 -16.81 0.12 3.26
N GLN A 182 -15.61 0.01 2.68
CA GLN A 182 -14.34 0.57 3.17
C GLN A 182 -13.74 -0.20 4.32
N SER A 183 -14.42 -1.21 4.87
CA SER A 183 -13.83 -2.05 5.90
C SER A 183 -13.26 -3.33 5.30
N TYR A 184 -12.50 -4.05 6.13
CA TYR A 184 -11.94 -5.37 5.86
C TYR A 184 -10.80 -5.40 4.84
N ARG A 185 -10.31 -4.24 4.35
CA ARG A 185 -9.14 -4.27 3.48
C ARG A 185 -7.91 -4.85 4.15
N GLU A 186 -7.80 -4.66 5.46
CA GLU A 186 -6.63 -5.08 6.21
C GLU A 186 -6.60 -6.56 6.55
N VAL A 187 -7.66 -7.31 6.23
CA VAL A 187 -7.61 -8.75 6.46
C VAL A 187 -6.50 -9.32 5.57
N ARG A 188 -5.67 -10.20 6.16
CA ARG A 188 -4.45 -10.65 5.45
C ARG A 188 -4.74 -11.65 4.34
N ASP A 189 -5.89 -12.29 4.42
CA ASP A 189 -6.30 -13.36 3.51
C ASP A 189 -7.45 -12.86 2.66
N VAL A 190 -7.70 -13.53 1.51
CA VAL A 190 -8.89 -13.24 0.69
C VAL A 190 -9.95 -14.23 1.13
N VAL A 191 -11.10 -13.69 1.63
CA VAL A 191 -12.12 -14.52 2.28
C VAL A 191 -13.48 -14.20 1.69
N ILE A 192 -14.40 -15.16 1.75
CA ILE A 192 -15.78 -14.91 1.36
C ILE A 192 -16.51 -14.25 2.52
N LEU A 193 -17.05 -13.07 2.27
CA LEU A 193 -17.76 -12.33 3.30
C LEU A 193 -19.09 -13.02 3.65
N LYS A 194 -19.37 -13.12 4.97
CA LYS A 194 -20.60 -13.73 5.45
C LYS A 194 -21.79 -12.88 5.03
N PRO A 195 -22.85 -13.47 4.48
CA PRO A 195 -24.00 -12.67 4.05
C PRO A 195 -24.59 -11.78 5.13
N SER A 196 -24.62 -12.26 6.37
CA SER A 196 -25.20 -11.49 7.46
C SER A 196 -24.50 -10.16 7.66
N VAL A 197 -23.23 -10.06 7.27
CA VAL A 197 -22.50 -8.79 7.42
C VAL A 197 -23.16 -7.73 6.55
N TYR A 198 -23.35 -8.04 5.27
CA TYR A 198 -23.87 -7.01 4.36
C TYR A 198 -25.38 -6.95 4.38
N GLU A 199 -26.06 -8.05 4.73
CA GLU A 199 -27.50 -7.94 4.97
C GLU A 199 -27.77 -6.99 6.12
N THR A 200 -27.08 -7.17 7.25
CA THR A 200 -27.32 -6.29 8.38
C THR A 200 -26.83 -4.88 8.10
N TRP A 201 -25.61 -4.72 7.58
CA TRP A 201 -25.12 -3.37 7.34
C TRP A 201 -25.97 -2.69 6.27
N GLY A 202 -26.38 -3.45 5.24
CA GLY A 202 -27.30 -2.91 4.25
C GLY A 202 -28.53 -2.29 4.88
N LYS A 203 -29.06 -2.89 5.97
CA LYS A 203 -30.23 -2.30 6.61
C LYS A 203 -29.89 -1.11 7.49
N GLU A 204 -28.64 -1.01 7.97
CA GLU A 204 -28.22 0.19 8.69
C GLU A 204 -28.23 1.40 7.75
N LEU A 205 -27.69 1.22 6.55
CA LEU A 205 -27.68 2.26 5.52
C LEU A 205 -29.09 2.53 5.00
N CYS B 11 28.26 -3.98 2.20
CA CYS B 11 26.80 -3.85 2.32
C CYS B 11 26.05 -4.80 1.35
N LYS B 12 24.81 -5.14 1.75
CA LYS B 12 23.96 -6.08 1.02
C LYS B 12 23.55 -5.57 -0.35
N TYR B 13 23.61 -4.25 -0.58
CA TYR B 13 23.08 -3.60 -1.77
C TYR B 13 24.17 -2.75 -2.42
N ASP B 14 24.33 -2.89 -3.76
CA ASP B 14 25.42 -2.16 -4.41
C ASP B 14 25.22 -0.65 -4.40
N PHE B 15 24.00 -0.19 -4.18
CA PHE B 15 23.70 1.22 -4.23
C PHE B 15 23.65 1.85 -2.84
N ALA B 16 23.92 1.08 -1.78
CA ALA B 16 23.78 1.57 -0.43
C ALA B 16 25.08 1.54 0.36
N THR B 17 25.28 2.54 1.22
CA THR B 17 26.45 2.48 2.08
CA THR B 17 26.40 2.57 2.13
C THR B 17 26.20 1.59 3.30
N SER B 18 25.00 1.62 3.86
CA SER B 18 24.65 0.90 5.08
CA SER B 18 24.65 0.72 4.95
C SER B 18 23.16 0.59 5.09
N VAL B 19 22.79 -0.52 5.74
CA VAL B 19 21.41 -0.85 6.02
C VAL B 19 21.13 -0.36 7.44
N LEU B 20 20.12 0.50 7.57
CA LEU B 20 19.77 1.03 8.91
C LEU B 20 18.71 0.17 9.61
N PHE B 21 17.59 -0.14 8.94
CA PHE B 21 16.54 -0.98 9.53
C PHE B 21 16.08 -2.00 8.52
N THR B 22 16.22 -3.27 8.88
CA THR B 22 15.69 -4.29 7.97
C THR B 22 14.19 -4.31 8.05
N GLU B 23 13.58 -4.91 7.03
CA GLU B 23 12.16 -5.18 7.06
C GLU B 23 11.74 -5.84 8.36
N ALA B 24 12.50 -6.86 8.82
CA ALA B 24 12.12 -7.55 10.05
C ALA B 24 12.21 -6.64 11.27
N GLU B 25 13.22 -5.75 11.30
CA GLU B 25 13.35 -4.82 12.41
C GLU B 25 12.21 -3.80 12.39
N LEU B 26 11.88 -3.31 11.22
CA LEU B 26 10.75 -2.39 11.09
C LEU B 26 9.47 -3.07 11.56
N HIS B 27 9.23 -4.33 11.17
CA HIS B 27 8.00 -4.98 11.59
C HIS B 27 7.95 -5.25 13.09
N THR B 28 9.10 -5.61 13.71
CA THR B 28 9.13 -5.76 15.15
C THR B 28 8.74 -4.46 15.83
N ARG B 29 9.32 -3.36 15.35
CA ARG B 29 8.97 -2.06 15.94
C ARG B 29 7.50 -1.72 15.70
N MET B 30 6.98 -2.05 14.50
CA MET B 30 5.58 -1.75 14.21
C MET B 30 4.64 -2.59 15.06
N ARG B 31 5.02 -3.82 15.42
CA ARG B 31 4.16 -4.57 16.34
C ARG B 31 4.16 -3.90 17.72
N GLY B 32 5.31 -3.39 18.17
CA GLY B 32 5.33 -2.64 19.43
C GLY B 32 4.42 -1.42 19.39
N VAL B 33 4.46 -0.69 18.28
CA VAL B 33 3.59 0.46 18.15
C VAL B 33 2.13 0.03 18.09
N ALA B 34 1.83 -1.07 17.38
CA ALA B 34 0.47 -1.51 17.25
C ALA B 34 -0.12 -1.89 18.58
N GLN B 35 0.70 -2.49 19.46
CA GLN B 35 0.19 -2.81 20.81
C GLN B 35 -0.18 -1.54 21.56
N ARG B 36 0.64 -0.48 21.43
CA ARG B 36 0.32 0.79 22.07
C ARG B 36 -0.95 1.40 21.49
N ILE B 37 -1.10 1.36 20.16
CA ILE B 37 -2.32 1.88 19.55
C ILE B 37 -3.54 1.07 20.01
N ALA B 38 -3.44 -0.25 19.99
CA ALA B 38 -4.56 -1.06 20.50
C ALA B 38 -4.93 -0.67 21.92
N ASP B 39 -3.94 -0.49 22.80
CA ASP B 39 -4.25 -0.06 24.15
C ASP B 39 -4.86 1.33 24.18
N ASP B 40 -4.30 2.25 23.40
CA ASP B 40 -4.72 3.65 23.50
C ASP B 40 -6.13 3.86 22.96
N TYR B 41 -6.58 3.05 21.99
CA TYR B 41 -7.92 3.18 21.42
C TYR B 41 -8.90 2.13 21.96
N SER B 42 -8.50 1.35 22.95
CA SER B 42 -9.40 0.34 23.51
CA SER B 42 -9.41 0.35 23.48
C SER B 42 -10.64 0.98 24.13
N ASN B 43 -10.56 2.22 24.57
CA ASN B 43 -11.71 2.92 25.17
CA ASN B 43 -11.73 2.87 25.17
C ASN B 43 -12.67 3.50 24.15
N CYS B 44 -12.41 3.35 22.87
CA CYS B 44 -13.15 4.03 21.83
C CYS B 44 -14.20 3.15 21.19
N ASN B 45 -14.27 1.86 21.54
CA ASN B 45 -15.23 0.92 20.92
C ASN B 45 -15.17 0.99 19.38
N LEU B 46 -13.96 0.81 18.83
CA LEU B 46 -13.80 0.76 17.38
C LEU B 46 -14.41 -0.54 16.86
N LYS B 47 -14.98 -0.47 15.66
CA LYS B 47 -15.66 -1.65 15.08
C LYS B 47 -15.60 -1.48 13.58
N PRO B 48 -15.43 -2.56 12.81
CA PRO B 48 -15.60 -2.44 11.35
C PRO B 48 -16.97 -1.88 11.04
N LEU B 49 -17.03 -1.13 9.92
CA LEU B 49 -18.26 -0.52 9.38
C LEU B 49 -18.78 0.59 10.28
N GLU B 50 -19.14 0.26 11.52
CA GLU B 50 -19.76 1.23 12.42
C GLU B 50 -18.77 2.29 12.88
N ASN B 51 -17.52 1.91 13.15
CA ASN B 51 -16.65 2.86 13.83
C ASN B 51 -15.19 2.44 13.64
N PRO B 52 -14.69 2.39 12.41
CA PRO B 52 -13.28 2.06 12.21
C PRO B 52 -12.39 3.25 12.61
N LEU B 53 -11.12 2.93 12.90
CA LEU B 53 -10.09 3.97 12.97
C LEU B 53 -9.80 4.40 11.54
N VAL B 54 -9.89 5.71 11.27
CA VAL B 54 -9.65 6.21 9.91
C VAL B 54 -8.17 6.48 9.73
N ILE B 55 -7.54 5.74 8.85
CA ILE B 55 -6.12 5.85 8.53
C ILE B 55 -5.97 6.81 7.36
N VAL B 56 -5.29 7.93 7.57
CA VAL B 56 -5.09 8.88 6.48
C VAL B 56 -3.63 8.82 6.10
N SER B 57 -3.33 8.21 4.96
CA SER B 57 -1.95 7.99 4.52
C SER B 57 -1.47 9.13 3.65
N VAL B 58 -0.34 9.74 4.03
CA VAL B 58 0.13 10.98 3.42
C VAL B 58 1.48 10.70 2.78
N LEU B 59 1.65 11.20 1.55
CA LEU B 59 2.83 11.09 0.67
C LEU B 59 2.76 9.79 -0.14
N LYS B 60 3.14 9.89 -1.44
CA LYS B 60 2.95 8.75 -2.33
C LYS B 60 3.65 7.51 -1.82
N GLY B 61 4.87 7.66 -1.29
CA GLY B 61 5.63 6.46 -0.90
C GLY B 61 5.09 5.73 0.35
N SER B 62 4.16 6.36 1.07
CA SER B 62 3.69 5.76 2.29
C SER B 62 2.82 4.54 2.04
N PHE B 63 2.53 4.18 0.77
CA PHE B 63 1.71 2.99 0.54
C PHE B 63 2.31 1.75 1.18
N VAL B 64 3.65 1.62 1.21
CA VAL B 64 4.26 0.40 1.74
C VAL B 64 4.01 0.32 3.25
N PHE B 65 4.41 1.37 3.96
CA PHE B 65 4.16 1.42 5.41
C PHE B 65 2.70 1.23 5.73
N THR B 66 1.84 1.90 4.98
CA THR B 66 0.41 1.79 5.28
C THR B 66 -0.12 0.38 5.04
N ALA B 67 0.30 -0.26 3.93
CA ALA B 67 -0.12 -1.65 3.70
C ALA B 67 0.29 -2.57 4.85
N ASP B 68 1.54 -2.44 5.33
CA ASP B 68 1.99 -3.31 6.41
C ASP B 68 1.32 -2.92 7.73
N MET B 69 1.18 -1.61 8.00
CA MET B 69 0.67 -1.21 9.29
C MET B 69 -0.78 -1.54 9.48
N VAL B 70 -1.61 -1.38 8.41
CA VAL B 70 -3.02 -1.70 8.69
C VAL B 70 -3.20 -3.20 8.91
N ARG B 71 -2.36 -4.03 8.26
CA ARG B 71 -2.46 -5.48 8.55
C ARG B 71 -2.01 -5.82 9.96
N ILE B 72 -0.93 -5.19 10.43
CA ILE B 72 -0.51 -5.41 11.81
C ILE B 72 -1.55 -4.89 12.80
N LEU B 73 -2.11 -3.69 12.54
CA LEU B 73 -3.18 -3.19 13.43
C LEU B 73 -4.34 -4.17 13.48
N GLY B 74 -4.72 -4.77 12.33
CA GLY B 74 -5.81 -5.75 12.35
C GLY B 74 -5.47 -6.97 13.20
N ASP B 75 -4.19 -7.38 13.19
CA ASP B 75 -3.75 -8.48 14.08
C ASP B 75 -3.97 -8.14 15.55
N PHE B 76 -3.81 -6.86 15.92
CA PHE B 76 -3.99 -6.41 17.29
C PHE B 76 -5.41 -5.96 17.57
N GLY B 77 -6.35 -6.23 16.66
CA GLY B 77 -7.74 -5.95 16.97
C GLY B 77 -8.18 -4.52 16.72
N VAL B 78 -7.45 -3.76 15.90
CA VAL B 78 -7.79 -2.37 15.58
C VAL B 78 -8.28 -2.33 14.14
N PRO B 79 -9.60 -2.23 13.91
CA PRO B 79 -10.13 -2.22 12.54
C PRO B 79 -10.00 -0.84 11.93
N THR B 80 -9.70 -0.79 10.63
CA THR B 80 -9.38 0.46 9.96
C THR B 80 -10.15 0.63 8.67
N ARG B 81 -10.19 1.89 8.24
CA ARG B 81 -10.52 2.25 6.87
CA ARG B 81 -10.49 2.21 6.86
C ARG B 81 -9.44 3.23 6.41
N VAL B 82 -9.13 3.26 5.12
CA VAL B 82 -7.96 3.99 4.64
CA VAL B 82 -7.96 3.98 4.64
C VAL B 82 -8.39 5.07 3.68
N GLU B 83 -7.68 6.20 3.72
CA GLU B 83 -7.82 7.29 2.77
C GLU B 83 -6.41 7.71 2.38
N PHE B 84 -6.22 8.22 1.19
CA PHE B 84 -4.90 8.63 0.73
C PHE B 84 -4.88 10.12 0.37
N LEU B 85 -3.86 10.85 0.86
CA LEU B 85 -3.47 12.20 0.41
C LEU B 85 -2.05 12.13 -0.21
N ARG B 86 -1.94 12.10 -1.53
CA ARG B 86 -0.61 11.88 -2.16
C ARG B 86 -0.47 12.60 -3.49
N GLY B 106 -9.53 11.59 1.71
CA GLY B 106 -9.23 11.85 3.10
C GLY B 106 -10.00 13.03 3.63
N LEU B 107 -11.24 13.18 3.16
CA LEU B 107 -12.01 14.39 3.45
C LEU B 107 -13.46 14.05 3.78
N CYS B 108 -14.02 13.04 3.13
CA CYS B 108 -15.40 12.65 3.36
C CYS B 108 -15.52 11.78 4.60
N ASP B 109 -16.39 12.18 5.53
CA ASP B 109 -16.84 11.30 6.61
C ASP B 109 -15.74 11.09 7.66
N ILE B 110 -15.12 12.17 8.13
CA ILE B 110 -14.26 12.05 9.31
C ILE B 110 -14.83 12.79 10.53
N ARG B 111 -15.92 13.56 10.38
CA ARG B 111 -16.50 14.21 11.55
C ARG B 111 -16.89 13.17 12.58
N GLY B 112 -16.46 13.37 13.81
CA GLY B 112 -16.81 12.41 14.84
C GLY B 112 -16.07 11.09 14.78
N LYS B 113 -15.11 10.91 13.89
CA LYS B 113 -14.36 9.67 13.77
CA LYS B 113 -14.36 9.66 13.77
C LYS B 113 -12.96 9.89 14.32
N HIS B 114 -12.34 8.80 14.80
CA HIS B 114 -10.94 8.85 15.19
C HIS B 114 -10.08 8.73 13.96
N VAL B 115 -9.06 9.59 13.88
CA VAL B 115 -8.17 9.66 12.72
C VAL B 115 -6.73 9.43 13.16
N LEU B 116 -6.05 8.54 12.47
CA LEU B 116 -4.62 8.35 12.66
C LEU B 116 -3.97 8.63 11.32
N VAL B 117 -3.12 9.63 11.27
CA VAL B 117 -2.43 10.04 10.03
C VAL B 117 -1.12 9.29 9.97
N LEU B 118 -0.87 8.59 8.87
CA LEU B 118 0.38 7.84 8.66
C LEU B 118 1.24 8.55 7.62
N GLU B 119 2.55 8.56 7.85
CA GLU B 119 3.46 9.17 6.89
C GLU B 119 4.78 8.40 6.96
N ASP B 120 5.35 8.03 5.78
CA ASP B 120 6.57 7.23 5.83
C ASP B 120 7.77 7.99 6.39
N ILE B 121 7.88 9.32 6.17
CA ILE B 121 8.97 10.09 6.74
C ILE B 121 8.44 11.40 7.25
N LEU B 122 8.98 11.83 8.40
CA LEU B 122 8.70 13.13 9.04
C LEU B 122 10.04 13.82 9.18
N ASP B 123 10.18 15.00 8.57
CA ASP B 123 11.47 15.70 8.57
C ASP B 123 11.23 17.14 9.01
N THR B 124 10.88 18.07 8.09
CA THR B 124 10.61 19.44 8.51
C THR B 124 9.31 19.58 9.32
N ALA B 125 8.40 18.65 9.13
CA ALA B 125 7.06 18.57 9.71
C ALA B 125 6.11 19.55 9.05
N LEU B 126 6.52 20.22 7.98
CA LEU B 126 5.60 21.19 7.36
C LEU B 126 4.42 20.48 6.71
N THR B 127 4.63 19.27 6.13
CA THR B 127 3.49 18.59 5.50
C THR B 127 2.52 18.12 6.56
N LEU B 128 3.03 17.47 7.61
CA LEU B 128 2.11 16.89 8.61
CA LEU B 128 2.10 16.89 8.56
C LEU B 128 1.37 17.97 9.36
N ARG B 129 2.03 19.07 9.66
CA ARG B 129 1.35 20.18 10.32
C ARG B 129 0.17 20.64 9.48
N GLU B 130 0.39 20.80 8.18
CA GLU B 130 -0.67 21.26 7.29
C GLU B 130 -1.80 20.25 7.24
N VAL B 131 -1.46 18.97 7.13
CA VAL B 131 -2.50 17.92 7.05
C VAL B 131 -3.33 17.87 8.33
N VAL B 132 -2.67 17.86 9.49
CA VAL B 132 -3.40 17.77 10.76
C VAL B 132 -4.31 18.98 10.91
N ASP B 133 -3.80 20.19 10.64
CA ASP B 133 -4.65 21.38 10.76
C ASP B 133 -5.84 21.32 9.81
N SER B 134 -5.62 20.84 8.59
CA SER B 134 -6.72 20.74 7.63
CA SER B 134 -6.73 20.76 7.65
C SER B 134 -7.79 19.78 8.13
N LEU B 135 -7.37 18.65 8.68
CA LEU B 135 -8.29 17.63 9.14
C LEU B 135 -9.06 18.08 10.36
N LYS B 136 -8.40 18.85 11.24
CA LYS B 136 -9.07 19.39 12.41
C LYS B 136 -10.30 20.18 12.03
N LYS B 137 -10.31 20.77 10.81
CA LYS B 137 -11.47 21.58 10.42
C LYS B 137 -12.72 20.76 10.25
N SER B 138 -12.58 19.46 9.97
CA SER B 138 -13.69 18.53 9.83
C SER B 138 -14.18 17.97 11.17
N GLU B 139 -13.63 18.45 12.27
CA GLU B 139 -13.99 18.02 13.61
C GLU B 139 -14.01 16.50 13.80
N PRO B 140 -12.88 15.82 13.61
CA PRO B 140 -12.76 14.43 14.01
C PRO B 140 -12.86 14.31 15.54
N ALA B 141 -13.25 13.12 15.97
CA ALA B 141 -13.22 12.81 17.41
C ALA B 141 -11.83 13.02 17.99
N SER B 142 -10.81 12.59 17.28
CA SER B 142 -9.43 12.80 17.71
C SER B 142 -8.55 12.67 16.49
N ILE B 143 -7.32 13.22 16.59
CA ILE B 143 -6.34 13.02 15.55
CA ILE B 143 -6.30 13.11 15.54
C ILE B 143 -4.97 12.81 16.20
N LYS B 144 -4.28 11.79 15.71
CA LYS B 144 -2.92 11.49 16.11
C LYS B 144 -2.13 11.16 14.87
N THR B 145 -0.80 11.09 15.01
CA THR B 145 0.06 10.79 13.88
C THR B 145 0.97 9.63 14.19
N LEU B 146 1.28 8.85 13.15
CA LEU B 146 2.17 7.69 13.20
C LEU B 146 3.12 7.80 12.03
N VAL B 147 4.44 7.80 12.29
CA VAL B 147 5.40 7.93 11.20
C VAL B 147 6.38 6.76 11.25
N ALA B 148 6.79 6.32 10.07
CA ALA B 148 7.74 5.21 10.03
C ALA B 148 9.13 5.68 10.35
N ILE B 149 9.60 6.74 9.70
CA ILE B 149 10.96 7.27 9.88
C ILE B 149 10.78 8.71 10.34
N ASP B 150 11.22 9.03 11.55
CA ASP B 150 11.29 10.40 12.01
C ASP B 150 12.73 10.87 11.89
N LYS B 151 12.93 12.05 11.27
CA LYS B 151 14.24 12.76 11.25
C LYS B 151 14.08 13.98 12.11
N PRO B 152 14.18 13.85 13.43
CA PRO B 152 13.85 14.99 14.29
C PRO B 152 14.82 16.15 14.14
N GLY B 153 16.03 15.92 13.64
CA GLY B 153 16.94 17.05 13.40
C GLY B 153 16.53 17.91 12.23
N GLY B 154 15.51 17.49 11.48
CA GLY B 154 15.13 18.18 10.27
C GLY B 154 14.05 19.23 10.47
N ARG B 155 13.53 19.35 11.68
CA ARG B 155 12.34 20.18 11.88
C ARG B 155 12.55 21.62 11.46
N LYS B 156 11.50 22.17 10.83
CA LYS B 156 11.43 23.61 10.63
C LYS B 156 10.40 24.26 11.54
N ILE B 157 9.59 23.44 12.21
CA ILE B 157 8.66 23.85 13.25
C ILE B 157 8.65 22.76 14.30
N PRO B 158 8.23 23.07 15.53
CA PRO B 158 8.13 21.99 16.53
C PRO B 158 7.00 21.04 16.16
N PHE B 159 7.29 19.75 16.22
CA PHE B 159 6.24 18.79 15.97
C PHE B 159 6.66 17.44 16.52
N THR B 160 5.78 16.80 17.30
CA THR B 160 6.07 15.49 17.86
C THR B 160 4.98 14.55 17.38
N ALA B 161 5.37 13.48 16.68
CA ALA B 161 4.42 12.44 16.32
C ALA B 161 4.05 11.62 17.55
N GLU B 162 2.78 11.21 17.66
CA GLU B 162 2.43 10.37 18.80
C GLU B 162 3.13 9.03 18.76
N TYR B 163 3.32 8.48 17.55
CA TYR B 163 3.94 7.18 17.42
C TYR B 163 5.02 7.23 16.35
N VAL B 164 6.21 6.70 16.66
CA VAL B 164 7.33 6.70 15.73
C VAL B 164 7.93 5.30 15.67
N VAL B 165 8.08 4.76 14.45
CA VAL B 165 8.68 3.42 14.32
C VAL B 165 10.18 3.48 14.55
N ALA B 166 10.85 4.38 13.85
CA ALA B 166 12.31 4.55 14.01
C ALA B 166 12.72 5.98 13.74
N ASP B 167 13.85 6.37 14.33
CA ASP B 167 14.47 7.68 14.10
C ASP B 167 15.67 7.50 13.18
N VAL B 168 15.96 8.52 12.38
CA VAL B 168 17.13 8.57 11.51
CA VAL B 168 17.20 8.55 11.63
C VAL B 168 17.80 9.93 11.75
N PRO B 169 19.13 10.01 11.72
CA PRO B 169 19.82 11.30 11.85
C PRO B 169 19.95 11.97 10.50
N ASN B 170 20.91 12.89 10.34
CA ASN B 170 21.06 13.68 9.12
C ASN B 170 21.75 12.89 8.00
N VAL B 171 21.01 11.93 7.44
CA VAL B 171 21.49 11.04 6.39
C VAL B 171 20.34 10.87 5.41
N PHE B 172 20.70 10.58 4.16
CA PHE B 172 19.66 10.42 3.13
C PHE B 172 19.37 8.93 2.92
N VAL B 173 18.15 8.53 3.23
CA VAL B 173 17.76 7.13 3.18
C VAL B 173 16.76 6.86 2.06
N VAL B 174 16.77 5.62 1.58
CA VAL B 174 15.74 5.12 0.66
C VAL B 174 15.28 3.76 1.16
N GLY B 175 14.23 3.26 0.52
CA GLY B 175 13.68 1.98 0.92
C GLY B 175 12.40 2.15 1.73
N TYR B 176 11.66 1.05 1.81
CA TYR B 176 10.39 1.01 2.56
C TYR B 176 9.45 2.14 2.18
N GLY B 177 9.35 2.38 0.86
CA GLY B 177 8.51 3.45 0.31
C GLY B 177 9.26 4.70 -0.05
N LEU B 178 10.43 4.92 0.56
CA LEU B 178 11.21 6.15 0.38
C LEU B 178 12.04 6.07 -0.91
N ASP B 179 12.01 7.15 -1.70
CA ASP B 179 12.59 7.11 -3.05
C ASP B 179 13.79 8.01 -3.17
N TYR B 180 14.55 7.73 -4.23
CA TYR B 180 15.42 8.72 -4.83
C TYR B 180 15.04 8.84 -6.30
N ASP B 181 14.55 10.01 -6.71
CA ASP B 181 14.01 10.27 -8.05
C ASP B 181 13.13 9.11 -8.55
N GLN B 182 12.21 8.69 -7.69
CA GLN B 182 11.13 7.71 -7.91
C GLN B 182 11.61 6.28 -7.91
N SER B 183 12.91 6.01 -7.74
CA SER B 183 13.44 4.66 -7.65
C SER B 183 13.70 4.29 -6.20
N TYR B 184 13.90 2.98 -5.95
CA TYR B 184 14.31 2.39 -4.67
C TYR B 184 13.22 2.34 -3.64
N ARG B 185 11.96 2.69 -3.96
CA ARG B 185 10.91 2.53 -2.96
C ARG B 185 10.70 1.08 -2.57
N GLU B 186 10.97 0.16 -3.51
CA GLU B 186 10.72 -1.24 -3.28
C GLU B 186 11.79 -1.95 -2.48
N VAL B 187 12.91 -1.30 -2.16
CA VAL B 187 13.90 -1.93 -1.30
C VAL B 187 13.25 -2.24 0.05
N ARG B 188 13.46 -3.47 0.54
CA ARG B 188 12.67 -3.92 1.70
C ARG B 188 13.14 -3.27 2.99
N ASP B 189 14.36 -2.78 3.00
CA ASP B 189 15.02 -2.23 4.18
C ASP B 189 15.16 -0.74 4.00
N VAL B 190 15.30 0.01 5.11
CA VAL B 190 15.67 1.42 5.03
C VAL B 190 17.19 1.49 5.04
N VAL B 191 17.78 2.08 3.97
CA VAL B 191 19.23 2.06 3.74
C VAL B 191 19.69 3.47 3.39
N ILE B 192 20.98 3.72 3.62
CA ILE B 192 21.58 5.00 3.20
C ILE B 192 22.01 4.84 1.75
N LEU B 193 21.50 5.73 0.88
CA LEU B 193 21.90 5.69 -0.53
C LEU B 193 23.32 6.21 -0.72
N LYS B 194 24.11 5.51 -1.54
CA LYS B 194 25.50 5.93 -1.79
C LYS B 194 25.50 7.30 -2.44
N PRO B 195 26.36 8.22 -1.99
CA PRO B 195 26.54 9.49 -2.72
C PRO B 195 26.85 9.31 -4.21
N SER B 196 27.64 8.30 -4.56
CA SER B 196 27.97 8.13 -5.97
C SER B 196 26.75 7.86 -6.82
N VAL B 197 25.63 7.45 -6.20
CA VAL B 197 24.41 7.21 -6.97
C VAL B 197 23.73 8.52 -7.32
N TYR B 198 23.52 9.41 -6.34
CA TYR B 198 22.79 10.62 -6.69
C TYR B 198 23.70 11.67 -7.29
N GLU B 199 25.01 11.52 -7.10
CA GLU B 199 25.95 12.42 -7.76
C GLU B 199 25.97 12.17 -9.25
N THR B 200 26.13 10.90 -9.67
CA THR B 200 26.12 10.61 -11.10
C THR B 200 24.76 10.94 -11.72
N TRP B 201 23.67 10.56 -11.04
CA TRP B 201 22.35 10.79 -11.60
C TRP B 201 22.01 12.28 -11.65
N GLY B 202 22.40 13.03 -10.62
CA GLY B 202 22.29 14.48 -10.68
C GLY B 202 23.22 15.04 -11.75
#